data_1HSK
#
_entry.id   1HSK
#
_cell.length_a   178.990
_cell.length_b   178.990
_cell.length_c   178.990
_cell.angle_alpha   90.00
_cell.angle_beta   90.00
_cell.angle_gamma   90.00
#
_symmetry.space_group_name_H-M   'I 21 3'
#
loop_
_entity.id
_entity.type
_entity.pdbx_description
1 polymer 'UDP-N-ACETYLENOLPYRUVOYLGLUCOSAMINE REDUCTASE'
2 non-polymer 'FLAVIN-ADENINE DINUCLEOTIDE'
3 water water
#
_entity_poly.entity_id   1
_entity_poly.type   'polypeptide(L)'
_entity_poly.pdbx_seq_one_letter_code
;MRGSHHHHHHTDPINKDIYQALQQLIPNEKIKVDEPLKRYTYTKTGGNADFYITPTKNEEVQAVVKYAYQNEIPVTYLGN
GSNIIIREGGIRGIVISLLSLDHIEVSDDAIIAGSGAAIIDVSRVARDYALTGLEFACGIPGSIGGAVYMNAGAYGGEVK
DCIDYALCVNEQGSLIKLTTKELELDYRNSIIQKEHLVVLEAAFTLAPGKMTEIQAKMDDLTERRESKQPLEYPSCGSVF
QRPPGHFAGKLIQDSNLQGHRIGGVEVSTKHAGFMVNVDNGTATDYENLIHYVQKTVKEKFGIELNREVRIIGEHPKESL
QPSLIS
;
_entity_poly.pdbx_strand_id   A
#
# COMPACT_ATOMS: atom_id res chain seq x y z
N ASN A 15 -15.53 7.69 -23.47
CA ASN A 15 -15.65 7.52 -22.00
C ASN A 15 -17.05 7.85 -21.50
N LYS A 16 -17.80 8.59 -22.31
CA LYS A 16 -19.17 8.94 -21.95
C LYS A 16 -19.93 7.64 -21.59
N ASP A 17 -19.69 6.65 -22.44
CA ASP A 17 -20.33 5.36 -22.38
C ASP A 17 -20.07 4.59 -21.08
N ILE A 18 -18.83 4.64 -20.63
CA ILE A 18 -18.43 3.94 -19.42
C ILE A 18 -19.06 4.64 -18.23
N TYR A 19 -18.97 5.95 -18.21
CA TYR A 19 -19.52 6.76 -17.14
C TYR A 19 -21.00 6.48 -17.01
N GLN A 20 -21.71 6.51 -18.12
CA GLN A 20 -23.16 6.27 -18.11
C GLN A 20 -23.46 4.87 -17.59
N ALA A 21 -22.64 3.91 -18.00
CA ALA A 21 -22.81 2.53 -17.58
C ALA A 21 -22.57 2.39 -16.09
N LEU A 22 -21.45 2.93 -15.62
CA LEU A 22 -21.11 2.85 -14.19
C LEU A 22 -22.23 3.44 -13.36
N GLN A 23 -22.84 4.51 -13.87
CA GLN A 23 -23.93 5.17 -13.16
C GLN A 23 -25.16 4.29 -13.08
N GLN A 24 -25.24 3.32 -13.97
CA GLN A 24 -26.38 2.40 -13.97
C GLN A 24 -26.13 1.34 -12.90
N LEU A 25 -24.86 1.15 -12.55
CA LEU A 25 -24.46 0.14 -11.58
C LEU A 25 -24.24 0.57 -10.14
N ILE A 26 -23.83 1.81 -9.90
CA ILE A 26 -23.57 2.25 -8.53
C ILE A 26 -23.95 3.70 -8.28
N PRO A 27 -24.29 4.03 -7.02
CA PRO A 27 -24.66 5.41 -6.71
C PRO A 27 -23.68 6.40 -7.32
N ASN A 28 -24.23 7.35 -8.08
CA ASN A 28 -23.44 8.34 -8.78
C ASN A 28 -22.41 9.16 -8.02
N GLU A 29 -22.75 9.60 -6.81
CA GLU A 29 -21.81 10.42 -6.03
C GLU A 29 -20.54 9.67 -5.68
N LYS A 30 -20.55 8.35 -5.83
CA LYS A 30 -19.38 7.56 -5.50
C LYS A 30 -18.42 7.47 -6.68
N ILE A 31 -18.76 8.12 -7.78
CA ILE A 31 -17.92 8.13 -8.97
C ILE A 31 -17.31 9.52 -9.25
N LYS A 32 -15.99 9.60 -9.27
CA LYS A 32 -15.29 10.86 -9.55
C LYS A 32 -14.63 10.66 -10.92
N VAL A 33 -14.64 11.69 -11.75
CA VAL A 33 -14.06 11.57 -13.09
C VAL A 33 -12.81 12.44 -13.27
N ASP A 34 -11.82 11.92 -13.99
CA ASP A 34 -10.58 12.64 -14.23
C ASP A 34 -10.13 13.25 -12.91
N GLU A 35 -9.99 12.38 -11.91
CA GLU A 35 -9.61 12.79 -10.57
C GLU A 35 -8.12 12.63 -10.26
N PRO A 36 -7.44 13.74 -9.93
CA PRO A 36 -6.00 13.70 -9.62
C PRO A 36 -5.74 12.82 -8.40
N LEU A 37 -4.90 11.81 -8.57
CA LEU A 37 -4.57 10.89 -7.49
C LEU A 37 -3.63 11.46 -6.44
N LYS A 38 -2.90 12.52 -6.79
CA LYS A 38 -1.97 13.13 -5.84
C LYS A 38 -2.68 13.58 -4.56
N ARG A 39 -3.98 13.84 -4.66
CA ARG A 39 -4.76 14.27 -3.50
C ARG A 39 -4.88 13.15 -2.48
N TYR A 40 -4.75 11.91 -2.93
CA TYR A 40 -4.91 10.76 -2.05
C TYR A 40 -3.72 9.87 -1.73
N THR A 41 -2.69 9.89 -2.57
CA THR A 41 -1.54 9.03 -2.31
C THR A 41 -0.67 9.51 -1.16
N TYR A 42 -0.10 8.56 -0.42
CA TYR A 42 0.77 8.86 0.71
C TYR A 42 2.01 9.63 0.27
N THR A 43 2.42 9.43 -0.98
CA THR A 43 3.59 10.12 -1.52
C THR A 43 3.20 11.48 -2.08
N LYS A 44 1.90 11.73 -2.17
CA LYS A 44 1.39 12.98 -2.71
C LYS A 44 1.78 13.17 -4.18
N THR A 45 1.62 12.12 -4.98
CA THR A 45 1.94 12.18 -6.39
C THR A 45 0.92 11.35 -7.18
N GLY A 46 0.88 11.54 -8.48
CA GLY A 46 -0.05 10.78 -9.30
C GLY A 46 -0.98 11.65 -10.13
N GLY A 47 -1.16 11.26 -11.39
CA GLY A 47 -2.02 12.02 -12.29
C GLY A 47 -3.50 11.68 -12.15
N ASN A 48 -4.25 12.02 -13.19
CA ASN A 48 -5.69 11.79 -13.21
C ASN A 48 -6.11 10.34 -13.36
N ALA A 49 -7.15 9.97 -12.64
CA ALA A 49 -7.71 8.62 -12.72
C ALA A 49 -8.96 8.87 -13.57
N ASP A 50 -9.08 8.16 -14.69
CA ASP A 50 -10.25 8.37 -15.54
C ASP A 50 -11.50 8.30 -14.67
N PHE A 51 -11.58 7.26 -13.85
CA PHE A 51 -12.70 7.06 -12.93
C PHE A 51 -12.12 6.64 -11.60
N TYR A 52 -12.53 7.34 -10.55
CA TYR A 52 -12.06 7.05 -9.21
C TYR A 52 -13.32 6.73 -8.41
N ILE A 53 -13.52 5.45 -8.12
CA ILE A 53 -14.71 4.99 -7.41
C ILE A 53 -14.47 4.66 -5.93
N THR A 54 -15.34 5.19 -5.08
CA THR A 54 -15.25 4.96 -3.64
C THR A 54 -16.50 4.21 -3.19
N PRO A 55 -16.48 2.87 -3.31
CA PRO A 55 -17.64 2.07 -2.90
C PRO A 55 -17.74 1.98 -1.40
N THR A 56 -18.94 1.75 -0.90
CA THR A 56 -19.15 1.60 0.53
C THR A 56 -19.61 0.16 0.81
N LYS A 57 -19.80 -0.62 -0.25
CA LYS A 57 -20.25 -2.01 -0.13
C LYS A 57 -19.54 -2.98 -1.06
N ASN A 58 -19.50 -4.25 -0.64
CA ASN A 58 -18.87 -5.30 -1.44
C ASN A 58 -19.57 -5.46 -2.79
N GLU A 59 -20.89 -5.42 -2.78
CA GLU A 59 -21.68 -5.59 -3.99
C GLU A 59 -21.31 -4.56 -5.05
N GLU A 60 -20.96 -3.36 -4.61
CA GLU A 60 -20.59 -2.29 -5.51
C GLU A 60 -19.25 -2.59 -6.18
N VAL A 61 -18.34 -3.19 -5.42
CA VAL A 61 -17.03 -3.55 -5.94
C VAL A 61 -17.22 -4.62 -6.99
N GLN A 62 -18.09 -5.59 -6.69
CA GLN A 62 -18.39 -6.68 -7.60
C GLN A 62 -18.99 -6.18 -8.91
N ALA A 63 -19.98 -5.31 -8.80
CA ALA A 63 -20.65 -4.76 -9.97
C ALA A 63 -19.67 -4.05 -10.89
N VAL A 64 -18.75 -3.28 -10.30
CA VAL A 64 -17.78 -2.55 -11.09
C VAL A 64 -16.76 -3.47 -11.74
N VAL A 65 -16.26 -4.45 -10.99
CA VAL A 65 -15.27 -5.38 -11.53
C VAL A 65 -15.85 -6.24 -12.64
N LYS A 66 -17.07 -6.72 -12.44
CA LYS A 66 -17.73 -7.55 -13.45
C LYS A 66 -17.88 -6.74 -14.73
N TYR A 67 -18.38 -5.52 -14.59
CA TYR A 67 -18.58 -4.63 -15.74
C TYR A 67 -17.28 -4.39 -16.50
N ALA A 68 -16.22 -4.06 -15.77
CA ALA A 68 -14.93 -3.79 -16.39
C ALA A 68 -14.41 -5.03 -17.11
N TYR A 69 -14.60 -6.18 -16.50
CA TYR A 69 -14.16 -7.44 -17.07
C TYR A 69 -14.87 -7.68 -18.40
N GLN A 70 -16.18 -7.50 -18.39
CA GLN A 70 -17.00 -7.69 -19.59
C GLN A 70 -16.60 -6.80 -20.75
N ASN A 71 -16.24 -5.55 -20.46
CA ASN A 71 -15.87 -4.60 -21.49
C ASN A 71 -14.37 -4.35 -21.58
N GLU A 72 -13.60 -5.27 -21.01
CA GLU A 72 -12.14 -5.18 -21.02
C GLU A 72 -11.54 -3.85 -20.56
N ILE A 73 -12.10 -3.28 -19.50
CA ILE A 73 -11.57 -2.02 -18.98
C ILE A 73 -10.62 -2.33 -17.83
N PRO A 74 -9.38 -1.87 -17.90
CA PRO A 74 -8.46 -2.15 -16.81
C PRO A 74 -8.93 -1.53 -15.49
N VAL A 75 -8.72 -2.26 -14.39
CA VAL A 75 -9.11 -1.79 -13.06
C VAL A 75 -7.89 -1.78 -12.15
N THR A 76 -7.72 -0.68 -11.41
CA THR A 76 -6.61 -0.49 -10.50
C THR A 76 -7.15 -0.39 -9.09
N TYR A 77 -6.69 -1.26 -8.20
CA TYR A 77 -7.17 -1.24 -6.82
C TYR A 77 -6.21 -0.41 -5.98
N LEU A 78 -6.77 0.51 -5.21
CA LEU A 78 -5.93 1.39 -4.40
C LEU A 78 -6.29 1.51 -2.92
N GLY A 79 -5.27 1.68 -2.11
CA GLY A 79 -5.44 1.86 -0.68
C GLY A 79 -5.00 3.29 -0.39
N ASN A 80 -4.03 3.46 0.49
CA ASN A 80 -3.55 4.79 0.84
C ASN A 80 -2.40 5.26 -0.05
N GLY A 81 -1.96 4.40 -0.95
CA GLY A 81 -0.88 4.75 -1.85
C GLY A 81 0.46 4.92 -1.18
N SER A 82 0.73 4.11 -0.16
CA SER A 82 2.01 4.21 0.55
C SER A 82 3.04 3.24 0.00
N ASN A 83 2.68 2.47 -1.02
CA ASN A 83 3.63 1.54 -1.61
C ASN A 83 3.57 1.40 -3.12
N ILE A 84 3.47 2.53 -3.81
CA ILE A 84 3.44 2.59 -5.27
C ILE A 84 3.80 4.00 -5.67
N ILE A 85 4.06 4.18 -6.94
CA ILE A 85 4.36 5.49 -7.48
C ILE A 85 3.50 5.58 -8.71
N ILE A 86 2.59 6.55 -8.74
CA ILE A 86 1.71 6.71 -9.88
C ILE A 86 2.21 7.88 -10.73
N ARG A 87 2.49 7.60 -11.99
CA ARG A 87 2.99 8.61 -12.93
C ARG A 87 2.06 9.81 -13.08
N GLU A 88 2.64 10.94 -13.41
CA GLU A 88 1.91 12.18 -13.57
C GLU A 88 0.88 12.16 -14.70
N GLY A 89 0.91 11.12 -15.52
CA GLY A 89 -0.06 11.02 -16.61
C GLY A 89 -1.36 10.45 -16.10
N GLY A 90 -1.32 9.93 -14.86
CA GLY A 90 -2.51 9.36 -14.27
C GLY A 90 -2.72 7.90 -14.63
N ILE A 91 -3.92 7.39 -14.40
CA ILE A 91 -4.24 6.00 -14.71
C ILE A 91 -5.44 5.87 -15.65
N ARG A 92 -5.25 5.12 -16.73
CA ARG A 92 -6.30 4.89 -17.70
C ARG A 92 -7.25 3.82 -17.16
N GLY A 93 -8.55 4.03 -17.32
CA GLY A 93 -9.50 3.04 -16.84
C GLY A 93 -10.15 3.37 -15.53
N ILE A 94 -10.52 2.32 -14.78
CA ILE A 94 -11.18 2.49 -13.49
C ILE A 94 -10.28 2.25 -12.29
N VAL A 95 -10.31 3.19 -11.35
CA VAL A 95 -9.53 3.07 -10.12
C VAL A 95 -10.54 2.92 -9.00
N ILE A 96 -10.49 1.80 -8.29
CA ILE A 96 -11.40 1.59 -7.16
C ILE A 96 -10.63 1.80 -5.87
N SER A 97 -11.06 2.77 -5.08
CA SER A 97 -10.42 3.06 -3.80
C SER A 97 -11.20 2.28 -2.74
N LEU A 98 -10.51 1.49 -1.93
CA LEU A 98 -11.19 0.69 -0.92
C LEU A 98 -11.24 1.37 0.45
N LEU A 99 -10.79 2.62 0.50
CA LEU A 99 -10.73 3.37 1.75
C LEU A 99 -12.02 3.53 2.55
N SER A 100 -13.17 3.29 1.94
CA SER A 100 -14.43 3.45 2.68
C SER A 100 -14.87 2.13 3.32
N LEU A 101 -14.31 1.03 2.87
CA LEU A 101 -14.66 -0.26 3.45
C LEU A 101 -13.82 -0.25 4.72
N ASP A 102 -14.22 0.56 5.71
CA ASP A 102 -13.44 0.69 6.95
C ASP A 102 -13.80 0.02 8.27
N HIS A 103 -14.85 -0.80 8.31
CA HIS A 103 -15.22 -1.43 9.59
C HIS A 103 -14.10 -2.23 10.26
N ILE A 104 -14.17 -2.34 11.59
CA ILE A 104 -13.24 -3.12 12.42
C ILE A 104 -14.14 -3.60 13.55
N GLU A 105 -14.29 -4.91 13.69
CA GLU A 105 -15.14 -5.46 14.73
C GLU A 105 -14.42 -6.59 15.45
N VAL A 106 -14.61 -6.67 16.77
CA VAL A 106 -13.97 -7.70 17.56
C VAL A 106 -14.96 -8.63 18.24
N SER A 107 -14.60 -9.91 18.30
CA SER A 107 -15.43 -10.92 18.94
C SER A 107 -14.48 -11.87 19.67
N ASP A 108 -14.39 -11.68 20.97
CA ASP A 108 -13.50 -12.47 21.81
C ASP A 108 -12.05 -12.29 21.36
N ASP A 109 -11.49 -13.33 20.73
CA ASP A 109 -10.11 -13.27 20.27
C ASP A 109 -10.01 -13.02 18.77
N ALA A 110 -11.15 -12.85 18.11
CA ALA A 110 -11.18 -12.62 16.68
C ALA A 110 -11.46 -11.17 16.31
N ILE A 111 -10.82 -10.71 15.24
CA ILE A 111 -10.99 -9.35 14.74
C ILE A 111 -11.21 -9.39 13.23
N ILE A 112 -12.19 -8.64 12.74
CA ILE A 112 -12.43 -8.58 11.30
C ILE A 112 -12.28 -7.11 10.91
N ALA A 113 -11.74 -6.86 9.73
CA ALA A 113 -11.54 -5.48 9.29
C ALA A 113 -11.67 -5.31 7.80
N GLY A 114 -12.32 -4.23 7.38
CA GLY A 114 -12.49 -3.95 5.96
C GLY A 114 -11.15 -3.61 5.35
N SER A 115 -10.95 -3.92 4.07
CA SER A 115 -9.68 -3.65 3.44
C SER A 115 -9.27 -2.19 3.40
N GLY A 116 -10.20 -1.30 3.72
CA GLY A 116 -9.89 0.13 3.71
C GLY A 116 -9.41 0.63 5.06
N ALA A 117 -9.63 -0.16 6.10
CA ALA A 117 -9.20 0.24 7.43
C ALA A 117 -7.69 0.31 7.52
N ALA A 118 -7.20 1.29 8.25
CA ALA A 118 -5.76 1.44 8.43
C ALA A 118 -5.30 0.34 9.36
N ILE A 119 -4.25 -0.38 8.99
CA ILE A 119 -3.74 -1.46 9.83
C ILE A 119 -3.31 -0.92 11.20
N ILE A 120 -2.91 0.34 11.25
CA ILE A 120 -2.50 0.97 12.50
C ILE A 120 -3.73 1.08 13.38
N ASP A 121 -4.88 1.31 12.77
CA ASP A 121 -6.13 1.42 13.51
C ASP A 121 -6.53 0.05 14.05
N VAL A 122 -6.28 -0.99 13.27
CA VAL A 122 -6.61 -2.34 13.69
C VAL A 122 -5.66 -2.75 14.80
N SER A 123 -4.40 -2.37 14.66
CA SER A 123 -3.40 -2.67 15.66
C SER A 123 -3.79 -2.01 16.97
N ARG A 124 -4.36 -0.82 16.89
CA ARG A 124 -4.80 -0.07 18.06
C ARG A 124 -6.07 -0.65 18.66
N VAL A 125 -6.87 -1.31 17.83
CA VAL A 125 -8.11 -1.92 18.33
C VAL A 125 -7.71 -3.17 19.09
N ALA A 126 -6.71 -3.87 18.58
CA ALA A 126 -6.21 -5.08 19.20
C ALA A 126 -5.79 -4.76 20.64
N ARG A 127 -5.07 -3.66 20.81
CA ARG A 127 -4.61 -3.26 22.15
C ARG A 127 -5.78 -2.87 23.03
N ASP A 128 -6.74 -2.16 22.46
CA ASP A 128 -7.91 -1.73 23.21
C ASP A 128 -8.61 -2.93 23.84
N TYR A 129 -8.43 -4.10 23.23
CA TYR A 129 -9.06 -5.33 23.71
C TYR A 129 -8.06 -6.27 24.37
N ALA A 130 -6.88 -5.75 24.64
CA ALA A 130 -5.83 -6.52 25.30
C ALA A 130 -5.51 -7.80 24.54
N LEU A 131 -5.42 -7.69 23.22
CA LEU A 131 -5.09 -8.83 22.38
C LEU A 131 -3.70 -8.57 21.82
N THR A 132 -2.80 -9.54 21.96
CA THR A 132 -1.43 -9.38 21.47
C THR A 132 -1.25 -10.06 20.13
N GLY A 133 -0.40 -9.50 19.28
CA GLY A 133 -0.17 -10.10 17.98
C GLY A 133 -0.12 -9.12 16.81
N LEU A 134 -0.52 -7.87 17.05
CA LEU A 134 -0.49 -6.88 15.97
C LEU A 134 0.28 -5.62 16.37
N GLU A 135 1.05 -5.70 17.45
CA GLU A 135 1.85 -4.57 17.90
C GLU A 135 2.86 -4.20 16.82
N PHE A 136 3.35 -5.21 16.12
CA PHE A 136 4.35 -4.99 15.05
C PHE A 136 3.83 -4.07 13.98
N ALA A 137 2.51 -3.97 13.88
CA ALA A 137 1.89 -3.13 12.86
C ALA A 137 1.49 -1.74 13.34
N CYS A 138 1.86 -1.39 14.56
CA CYS A 138 1.47 -0.08 15.10
C CYS A 138 2.02 1.12 14.31
N GLY A 139 2.99 0.87 13.45
CA GLY A 139 3.56 1.97 12.69
C GLY A 139 3.61 1.76 11.18
N ILE A 140 2.98 0.70 10.71
CA ILE A 140 2.97 0.41 9.27
C ILE A 140 1.86 1.24 8.61
N PRO A 141 2.24 2.15 7.69
CA PRO A 141 1.21 2.96 7.03
C PRO A 141 0.33 2.13 6.09
N GLY A 142 -0.75 2.72 5.63
CA GLY A 142 -1.62 2.01 4.69
C GLY A 142 -2.81 1.27 5.26
N SER A 143 -3.52 0.61 4.35
CA SER A 143 -4.72 -0.14 4.67
C SER A 143 -4.50 -1.64 4.84
N ILE A 144 -5.55 -2.30 5.33
CA ILE A 144 -5.51 -3.74 5.53
C ILE A 144 -5.37 -4.44 4.18
N GLY A 145 -6.06 -3.93 3.17
CA GLY A 145 -5.99 -4.53 1.84
C GLY A 145 -4.58 -4.52 1.30
N GLY A 146 -3.88 -3.41 1.53
CA GLY A 146 -2.52 -3.30 1.05
C GLY A 146 -1.59 -4.18 1.86
N ALA A 147 -1.88 -4.31 3.15
CA ALA A 147 -1.05 -5.13 4.03
C ALA A 147 -1.14 -6.58 3.62
N VAL A 148 -2.34 -7.02 3.27
CA VAL A 148 -2.54 -8.40 2.85
C VAL A 148 -1.81 -8.61 1.53
N TYR A 149 -1.97 -7.66 0.61
CA TYR A 149 -1.34 -7.73 -0.71
C TYR A 149 0.17 -7.96 -0.61
N MET A 150 0.80 -7.30 0.34
CA MET A 150 2.24 -7.39 0.53
C MET A 150 2.67 -8.22 1.73
N ASN A 151 1.71 -8.78 2.45
CA ASN A 151 2.02 -9.54 3.66
C ASN A 151 2.90 -8.59 4.47
N ALA A 152 2.43 -7.37 4.64
CA ALA A 152 3.15 -6.34 5.37
C ALA A 152 3.72 -6.91 6.66
N GLY A 153 4.96 -6.56 6.96
CA GLY A 153 5.58 -7.06 8.17
C GLY A 153 6.62 -6.09 8.70
N ALA A 154 6.93 -6.20 9.98
CA ALA A 154 7.91 -5.33 10.61
C ALA A 154 8.29 -5.86 11.98
N TYR A 155 9.56 -5.70 12.34
CA TYR A 155 10.08 -6.11 13.63
C TYR A 155 9.74 -7.53 14.06
N GLY A 156 9.84 -8.46 13.10
CA GLY A 156 9.57 -9.86 13.40
C GLY A 156 8.14 -10.31 13.21
N GLY A 157 7.23 -9.36 13.02
CA GLY A 157 5.83 -9.70 12.83
C GLY A 157 5.42 -9.62 11.38
N GLU A 158 4.36 -10.35 11.03
CA GLU A 158 3.84 -10.38 9.66
C GLU A 158 2.33 -10.56 9.69
N VAL A 159 1.64 -10.01 8.69
CA VAL A 159 0.19 -10.16 8.60
C VAL A 159 -0.11 -11.66 8.67
N LYS A 160 0.80 -12.45 8.11
CA LYS A 160 0.67 -13.89 8.07
C LYS A 160 0.62 -14.58 9.43
N ASP A 161 1.22 -13.98 10.45
CA ASP A 161 1.23 -14.59 11.79
C ASP A 161 -0.16 -14.85 12.34
N CYS A 162 -1.06 -13.89 12.15
CA CYS A 162 -2.40 -13.98 12.72
C CYS A 162 -3.61 -13.97 11.81
N ILE A 163 -3.41 -13.89 10.49
CA ILE A 163 -4.56 -13.86 9.59
C ILE A 163 -5.18 -15.23 9.37
N ASP A 164 -6.51 -15.27 9.30
CA ASP A 164 -7.24 -16.51 9.08
C ASP A 164 -7.67 -16.63 7.62
N TYR A 165 -8.19 -15.52 7.07
CA TYR A 165 -8.63 -15.49 5.68
C TYR A 165 -8.85 -14.07 5.20
N ALA A 166 -9.01 -13.92 3.89
CA ALA A 166 -9.28 -12.63 3.29
C ALA A 166 -10.37 -12.84 2.25
N LEU A 167 -11.40 -12.00 2.30
CA LEU A 167 -12.49 -12.10 1.33
C LEU A 167 -12.10 -11.24 0.14
N CYS A 168 -12.15 -11.81 -1.06
CA CYS A 168 -11.77 -11.07 -2.27
C CYS A 168 -12.78 -11.20 -3.41
N VAL A 169 -12.56 -10.40 -4.45
CA VAL A 169 -13.39 -10.43 -5.64
C VAL A 169 -12.41 -10.70 -6.78
N ASN A 170 -12.65 -11.72 -7.58
CA ASN A 170 -11.74 -11.99 -8.69
C ASN A 170 -12.07 -11.05 -9.85
N GLU A 171 -11.15 -10.97 -10.81
CA GLU A 171 -11.32 -10.08 -11.96
C GLU A 171 -12.64 -10.29 -12.70
N GLN A 172 -13.26 -11.44 -12.50
CA GLN A 172 -14.53 -11.74 -13.16
C GLN A 172 -15.69 -11.23 -12.31
N GLY A 173 -15.38 -10.77 -11.10
CA GLY A 173 -16.42 -10.24 -10.24
C GLY A 173 -17.04 -11.13 -9.19
N SER A 174 -16.49 -12.31 -8.99
CA SER A 174 -17.03 -13.24 -8.00
C SER A 174 -16.34 -13.10 -6.64
N LEU A 175 -17.06 -13.47 -5.59
CA LEU A 175 -16.53 -13.43 -4.23
C LEU A 175 -15.78 -14.73 -3.97
N ILE A 176 -14.61 -14.62 -3.35
CA ILE A 176 -13.82 -15.80 -3.03
C ILE A 176 -13.18 -15.57 -1.67
N LYS A 177 -13.36 -16.52 -0.78
CA LYS A 177 -12.78 -16.44 0.55
C LYS A 177 -11.50 -17.28 0.52
N LEU A 178 -10.36 -16.61 0.68
CA LEU A 178 -9.07 -17.30 0.66
C LEU A 178 -8.53 -17.40 2.08
N THR A 179 -8.30 -18.62 2.54
CA THR A 179 -7.77 -18.84 3.88
C THR A 179 -6.29 -18.49 3.88
N THR A 180 -5.66 -18.55 5.05
CA THR A 180 -4.23 -18.23 5.17
C THR A 180 -3.35 -18.92 4.16
N LYS A 181 -3.49 -20.24 4.05
CA LYS A 181 -2.66 -20.99 3.11
C LYS A 181 -2.93 -20.60 1.68
N GLU A 182 -4.20 -20.42 1.34
CA GLU A 182 -4.57 -20.07 -0.02
C GLU A 182 -4.08 -18.69 -0.44
N LEU A 183 -3.86 -17.82 0.54
CA LEU A 183 -3.37 -16.47 0.26
C LEU A 183 -1.91 -16.52 -0.16
N GLU A 184 -1.27 -17.66 0.10
CA GLU A 184 0.13 -17.84 -0.24
C GLU A 184 0.99 -16.67 0.21
N LEU A 185 0.82 -16.29 1.47
CA LEU A 185 1.57 -15.18 2.02
C LEU A 185 3.05 -15.55 2.06
N ASP A 186 3.88 -14.66 1.54
CA ASP A 186 5.31 -14.89 1.47
C ASP A 186 6.04 -13.62 1.90
N TYR A 187 7.36 -13.60 1.73
CA TYR A 187 8.14 -12.43 2.08
C TYR A 187 7.84 -11.35 1.06
N ARG A 188 7.12 -10.31 1.48
CA ARG A 188 6.76 -9.20 0.59
C ARG A 188 6.00 -9.66 -0.64
N ASN A 189 5.15 -10.68 -0.50
CA ASN A 189 4.38 -11.18 -1.63
C ASN A 189 3.16 -11.95 -1.18
N SER A 190 2.25 -12.19 -2.12
CA SER A 190 1.01 -12.92 -1.85
C SER A 190 0.34 -13.23 -3.18
N ILE A 191 -0.72 -14.03 -3.11
CA ILE A 191 -1.45 -14.40 -4.31
C ILE A 191 -2.29 -13.24 -4.83
N ILE A 192 -2.50 -12.22 -3.99
CA ILE A 192 -3.27 -11.05 -4.40
C ILE A 192 -2.53 -10.38 -5.55
N GLN A 193 -1.21 -10.42 -5.47
CA GLN A 193 -0.36 -9.82 -6.48
C GLN A 193 -0.44 -10.66 -7.75
N LYS A 194 -0.14 -11.95 -7.60
CA LYS A 194 -0.13 -12.87 -8.73
C LYS A 194 -1.42 -12.98 -9.54
N GLU A 195 -2.60 -12.91 -8.94
CA GLU A 195 -3.78 -12.98 -9.79
C GLU A 195 -4.77 -11.84 -9.71
N HIS A 196 -4.24 -10.65 -9.44
CA HIS A 196 -5.04 -9.45 -9.40
C HIS A 196 -6.45 -9.58 -8.79
N LEU A 197 -6.50 -9.98 -7.52
CA LEU A 197 -7.77 -10.10 -6.82
C LEU A 197 -7.85 -8.79 -6.06
N VAL A 198 -9.05 -8.41 -5.63
CA VAL A 198 -9.17 -7.19 -4.83
C VAL A 198 -9.63 -7.64 -3.45
N VAL A 199 -8.92 -7.20 -2.42
CA VAL A 199 -9.26 -7.57 -1.05
C VAL A 199 -10.38 -6.70 -0.50
N LEU A 200 -11.37 -7.34 0.13
CA LEU A 200 -12.51 -6.64 0.69
C LEU A 200 -12.51 -6.64 2.22
N GLU A 201 -11.96 -7.70 2.80
CA GLU A 201 -11.95 -7.82 4.25
C GLU A 201 -10.97 -8.89 4.69
N ALA A 202 -10.47 -8.76 5.93
CA ALA A 202 -9.53 -9.72 6.48
C ALA A 202 -9.96 -10.09 7.89
N ALA A 203 -9.74 -11.34 8.27
CA ALA A 203 -10.10 -11.82 9.60
C ALA A 203 -8.85 -12.32 10.30
N PHE A 204 -8.73 -11.97 11.58
CA PHE A 204 -7.58 -12.38 12.39
C PHE A 204 -8.02 -13.03 13.69
N THR A 205 -7.09 -13.75 14.31
CA THR A 205 -7.32 -14.39 15.59
C THR A 205 -6.06 -14.05 16.38
N LEU A 206 -6.24 -13.39 17.52
CA LEU A 206 -5.09 -13.00 18.33
C LEU A 206 -5.15 -13.69 19.68
N ALA A 207 -4.08 -13.55 20.45
CA ALA A 207 -4.01 -14.16 21.76
C ALA A 207 -4.20 -13.15 22.88
N PRO A 208 -5.01 -13.50 23.87
CA PRO A 208 -5.20 -12.56 24.96
C PRO A 208 -3.85 -12.15 25.49
N GLY A 209 -3.71 -10.90 25.88
CA GLY A 209 -2.44 -10.44 26.40
C GLY A 209 -2.67 -9.47 27.54
N LYS A 210 -1.58 -8.95 28.06
CA LYS A 210 -1.57 -7.99 29.16
C LYS A 210 -1.36 -6.61 28.55
N MET A 211 -2.41 -5.81 28.50
CA MET A 211 -2.35 -4.48 27.88
C MET A 211 -1.13 -3.59 28.18
N THR A 212 -0.64 -3.59 29.41
CA THR A 212 0.50 -2.73 29.73
C THR A 212 1.69 -3.23 28.95
N GLU A 213 1.73 -4.55 28.77
CA GLU A 213 2.82 -5.17 28.03
C GLU A 213 2.65 -4.92 26.54
N ILE A 214 1.39 -4.98 26.08
CA ILE A 214 1.10 -4.74 24.68
C ILE A 214 1.46 -3.29 24.36
N GLN A 215 1.11 -2.39 25.28
CA GLN A 215 1.38 -0.97 25.12
C GLN A 215 2.87 -0.70 25.11
N ALA A 216 3.60 -1.37 26.00
CA ALA A 216 5.03 -1.18 26.10
C ALA A 216 5.73 -1.60 24.81
N LYS A 217 5.24 -2.66 24.17
CA LYS A 217 5.87 -3.11 22.93
C LYS A 217 5.61 -2.09 21.83
N MET A 218 4.37 -1.63 21.72
CA MET A 218 4.00 -0.64 20.72
C MET A 218 4.82 0.63 20.95
N ASP A 219 4.90 1.06 22.20
CA ASP A 219 5.67 2.27 22.54
C ASP A 219 7.13 2.16 22.12
N ASP A 220 7.73 1.00 22.35
CA ASP A 220 9.13 0.80 21.98
C ASP A 220 9.31 0.79 20.47
N LEU A 221 8.40 0.12 19.76
CA LEU A 221 8.48 0.04 18.30
C LEU A 221 8.20 1.39 17.66
N THR A 222 7.38 2.21 18.31
CA THR A 222 7.06 3.53 17.79
C THR A 222 8.29 4.42 17.92
N GLU A 223 8.91 4.35 19.08
CA GLU A 223 10.11 5.11 19.40
C GLU A 223 11.22 4.72 18.43
N ARG A 224 11.44 3.41 18.30
CA ARG A 224 12.47 2.88 17.41
C ARG A 224 12.30 3.40 15.99
N ARG A 225 11.11 3.23 15.42
CA ARG A 225 10.84 3.67 14.06
C ARG A 225 11.00 5.17 13.87
N GLU A 226 10.47 5.94 14.81
CA GLU A 226 10.56 7.39 14.72
C GLU A 226 12.01 7.85 14.67
N SER A 227 12.88 7.16 15.39
CA SER A 227 14.29 7.51 15.42
C SER A 227 15.06 7.13 14.16
N LYS A 228 14.47 6.25 13.35
CA LYS A 228 15.14 5.80 12.13
C LYS A 228 14.51 6.21 10.80
N GLN A 229 13.23 6.55 10.81
CA GLN A 229 12.57 6.89 9.56
C GLN A 229 12.01 8.30 9.45
N PRO A 230 12.05 8.86 8.23
CA PRO A 230 11.54 10.21 7.94
C PRO A 230 10.02 10.15 7.86
N LEU A 231 9.40 9.85 9.00
CA LEU A 231 7.95 9.73 9.08
C LEU A 231 7.21 11.04 8.87
N GLU A 232 7.93 12.16 8.87
CA GLU A 232 7.29 13.46 8.71
C GLU A 232 7.11 13.96 7.27
N TYR A 233 7.57 13.21 6.29
CA TYR A 233 7.44 13.63 4.90
C TYR A 233 6.70 12.60 4.08
N PRO A 234 5.92 13.06 3.08
CA PRO A 234 5.23 12.03 2.30
C PRO A 234 6.39 11.24 1.75
N SER A 235 6.24 9.92 1.71
CA SER A 235 7.34 9.11 1.20
C SER A 235 6.93 7.77 0.66
N CYS A 236 7.86 7.16 -0.05
CA CYS A 236 7.66 5.86 -0.60
C CYS A 236 8.73 5.11 0.19
N GLY A 237 8.35 3.97 0.76
CA GLY A 237 9.31 3.22 1.55
C GLY A 237 10.13 2.18 0.81
N SER A 238 11.36 1.93 1.25
CA SER A 238 12.24 0.96 0.59
C SER A 238 11.90 0.53 -0.87
N VAL A 239 12.50 1.34 -1.71
CA VAL A 239 12.44 1.28 -3.15
C VAL A 239 13.12 0.11 -3.85
N PHE A 240 14.23 -0.34 -3.29
CA PHE A 240 15.01 -1.41 -3.90
C PHE A 240 15.02 -2.75 -3.21
N GLN A 241 15.41 -3.76 -3.99
CA GLN A 241 15.55 -5.12 -3.50
C GLN A 241 16.90 -5.10 -2.82
N ARG A 242 17.15 -6.05 -1.93
CA ARG A 242 18.45 -6.10 -1.29
C ARG A 242 19.40 -6.93 -2.14
N PRO A 243 20.50 -6.32 -2.59
CA PRO A 243 21.49 -7.03 -3.41
C PRO A 243 22.35 -7.95 -2.55
N PRO A 244 22.91 -9.01 -3.15
CA PRO A 244 23.75 -9.95 -2.41
C PRO A 244 24.86 -9.30 -1.58
N GLY A 245 25.01 -9.79 -0.35
CA GLY A 245 26.07 -9.32 0.54
C GLY A 245 25.98 -7.91 1.11
N HIS A 246 24.97 -7.15 0.72
CA HIS A 246 24.84 -5.78 1.23
C HIS A 246 23.41 -5.37 1.54
N PHE A 247 23.28 -4.14 2.03
CA PHE A 247 22.00 -3.54 2.35
C PHE A 247 21.88 -2.36 1.40
N ALA A 248 20.75 -2.25 0.72
CA ALA A 248 20.53 -1.17 -0.24
C ALA A 248 20.76 0.20 0.37
N GLY A 249 20.15 0.44 1.52
CA GLY A 249 20.30 1.73 2.18
C GLY A 249 21.72 2.06 2.56
N LYS A 250 22.50 1.04 2.90
CA LYS A 250 23.89 1.26 3.29
C LYS A 250 24.70 1.59 2.04
N LEU A 251 24.42 0.89 0.96
CA LEU A 251 25.10 1.11 -0.31
C LEU A 251 24.82 2.54 -0.77
N ILE A 252 23.54 2.91 -0.78
CA ILE A 252 23.12 4.23 -1.20
C ILE A 252 23.82 5.30 -0.38
N GLN A 253 23.89 5.07 0.92
CA GLN A 253 24.52 6.02 1.83
C GLN A 253 26.02 6.12 1.57
N ASP A 254 26.68 4.99 1.42
CA ASP A 254 28.12 4.96 1.17
C ASP A 254 28.46 5.56 -0.19
N SER A 255 27.44 5.72 -1.03
CA SER A 255 27.64 6.31 -2.35
C SER A 255 27.44 7.83 -2.24
N ASN A 256 27.28 8.30 -1.01
CA ASN A 256 27.07 9.72 -0.73
C ASN A 256 25.86 10.30 -1.48
N LEU A 257 24.78 9.55 -1.54
CA LEU A 257 23.58 9.99 -2.22
C LEU A 257 22.57 10.68 -1.31
N GLN A 258 22.75 10.53 0.00
CA GLN A 258 21.82 11.14 0.93
C GLN A 258 21.77 12.65 0.70
N GLY A 259 20.56 13.19 0.62
CA GLY A 259 20.41 14.61 0.40
C GLY A 259 20.32 14.99 -1.07
N HIS A 260 20.60 14.04 -1.96
CA HIS A 260 20.55 14.31 -3.39
C HIS A 260 19.10 14.50 -3.82
N ARG A 261 18.80 15.66 -4.39
CA ARG A 261 17.44 15.96 -4.81
C ARG A 261 17.28 16.17 -6.31
N ILE A 262 16.08 15.83 -6.78
CA ILE A 262 15.71 16.00 -8.18
C ILE A 262 14.27 16.48 -8.07
N GLY A 263 14.02 17.70 -8.54
CA GLY A 263 12.69 18.25 -8.45
C GLY A 263 12.40 18.50 -6.98
N GLY A 264 11.34 17.88 -6.47
CA GLY A 264 10.99 18.05 -5.07
C GLY A 264 11.18 16.77 -4.26
N VAL A 265 11.85 15.79 -4.86
CA VAL A 265 12.10 14.51 -4.19
C VAL A 265 13.59 14.25 -4.00
N GLU A 266 13.97 13.82 -2.80
CA GLU A 266 15.38 13.54 -2.51
C GLU A 266 15.60 12.29 -1.66
N VAL A 267 16.83 11.80 -1.68
CA VAL A 267 17.18 10.64 -0.87
C VAL A 267 17.22 11.17 0.55
N SER A 268 16.42 10.58 1.43
CA SER A 268 16.36 11.04 2.82
C SER A 268 17.70 11.08 3.54
N THR A 269 17.94 12.16 4.27
CA THR A 269 19.16 12.33 5.04
C THR A 269 19.05 11.62 6.38
N LYS A 270 17.88 11.02 6.63
CA LYS A 270 17.65 10.32 7.88
C LYS A 270 17.75 8.81 7.64
N HIS A 271 17.32 8.37 6.47
CA HIS A 271 17.35 6.97 6.07
C HIS A 271 17.54 6.90 4.56
N ALA A 272 18.77 6.62 4.13
CA ALA A 272 19.12 6.53 2.72
C ALA A 272 18.22 5.62 1.90
N GLY A 273 17.51 4.72 2.58
CA GLY A 273 16.63 3.81 1.87
C GLY A 273 15.30 4.42 1.52
N PHE A 274 15.06 5.64 2.01
CA PHE A 274 13.81 6.35 1.76
C PHE A 274 13.97 7.51 0.79
N MET A 275 12.94 7.74 -0.02
CA MET A 275 12.93 8.85 -0.97
C MET A 275 11.78 9.75 -0.52
N VAL A 276 12.12 10.92 0.02
CA VAL A 276 11.11 11.83 0.52
C VAL A 276 10.70 12.96 -0.42
N ASN A 277 9.41 13.28 -0.37
CA ASN A 277 8.86 14.35 -1.18
C ASN A 277 8.93 15.60 -0.29
N VAL A 278 10.07 16.27 -0.34
CA VAL A 278 10.31 17.45 0.49
C VAL A 278 9.84 18.77 -0.10
N ASP A 279 9.71 18.84 -1.42
CA ASP A 279 9.30 20.10 -2.01
C ASP A 279 8.32 20.03 -3.19
N ASN A 280 7.10 19.59 -2.91
CA ASN A 280 6.07 19.51 -3.95
C ASN A 280 6.61 18.75 -5.17
N GLY A 281 7.23 17.60 -4.91
CA GLY A 281 7.79 16.80 -5.99
C GLY A 281 6.76 16.02 -6.79
N THR A 282 7.21 15.33 -7.82
CA THR A 282 6.31 14.56 -8.66
C THR A 282 6.72 13.11 -8.82
N ALA A 283 5.83 12.33 -9.41
CA ALA A 283 6.07 10.93 -9.66
C ALA A 283 7.22 10.82 -10.64
N THR A 284 7.44 11.88 -11.40
CA THR A 284 8.50 11.93 -12.39
C THR A 284 9.85 12.12 -11.69
N ASP A 285 9.84 12.86 -10.58
CA ASP A 285 11.06 13.09 -9.84
C ASP A 285 11.50 11.78 -9.21
N TYR A 286 10.55 11.06 -8.62
CA TYR A 286 10.79 9.77 -7.98
C TYR A 286 11.49 8.84 -8.95
N GLU A 287 10.86 8.63 -10.10
CA GLU A 287 11.41 7.75 -11.12
C GLU A 287 12.79 8.18 -11.57
N ASN A 288 12.98 9.49 -11.74
CA ASN A 288 14.26 10.02 -12.18
C ASN A 288 15.32 9.79 -11.12
N LEU A 289 14.95 10.00 -9.86
CA LEU A 289 15.87 9.82 -8.75
C LEU A 289 16.24 8.36 -8.59
N ILE A 290 15.29 7.47 -8.85
CA ILE A 290 15.55 6.03 -8.75
C ILE A 290 16.62 5.68 -9.77
N HIS A 291 16.39 6.10 -11.01
CA HIS A 291 17.33 5.84 -12.10
C HIS A 291 18.71 6.38 -11.72
N TYR A 292 18.74 7.57 -11.14
CA TYR A 292 19.99 8.20 -10.76
C TYR A 292 20.70 7.49 -9.61
N VAL A 293 19.91 6.94 -8.69
CA VAL A 293 20.49 6.22 -7.56
C VAL A 293 21.08 4.91 -8.05
N GLN A 294 20.35 4.25 -8.95
CA GLN A 294 20.81 2.98 -9.52
C GLN A 294 22.11 3.19 -10.27
N LYS A 295 22.19 4.30 -11.00
CA LYS A 295 23.36 4.62 -11.78
C LYS A 295 24.57 4.95 -10.92
N THR A 296 24.35 5.79 -9.90
CA THR A 296 25.43 6.18 -9.02
C THR A 296 26.01 5.02 -8.22
N VAL A 297 25.14 4.15 -7.73
CA VAL A 297 25.58 3.01 -6.94
C VAL A 297 26.36 2.05 -7.80
N LYS A 298 25.83 1.77 -8.99
CA LYS A 298 26.48 0.86 -9.93
C LYS A 298 27.89 1.32 -10.26
N GLU A 299 28.08 2.64 -10.33
CA GLU A 299 29.38 3.19 -10.64
C GLU A 299 30.32 3.07 -9.46
N LYS A 300 29.79 3.26 -8.25
CA LYS A 300 30.62 3.20 -7.04
C LYS A 300 30.97 1.80 -6.58
N PHE A 301 30.02 0.87 -6.71
CA PHE A 301 30.26 -0.50 -6.26
C PHE A 301 30.10 -1.56 -7.34
N GLY A 302 29.63 -1.17 -8.50
CA GLY A 302 29.45 -2.16 -9.55
C GLY A 302 28.29 -3.07 -9.21
N ILE A 303 27.44 -2.62 -8.30
CA ILE A 303 26.28 -3.39 -7.90
C ILE A 303 25.02 -2.73 -8.45
N GLU A 304 24.12 -3.54 -9.00
CA GLU A 304 22.88 -3.03 -9.58
C GLU A 304 21.69 -3.20 -8.66
N LEU A 305 21.12 -2.08 -8.22
CA LEU A 305 19.96 -2.13 -7.35
C LEU A 305 18.74 -2.34 -8.23
N ASN A 306 17.93 -3.28 -7.83
CA ASN A 306 16.73 -3.53 -8.56
C ASN A 306 15.60 -2.88 -7.78
N ARG A 307 14.65 -2.26 -8.49
CA ARG A 307 13.49 -1.61 -7.88
C ARG A 307 12.52 -2.60 -7.22
N GLU A 308 12.04 -2.31 -6.02
CA GLU A 308 11.11 -3.16 -5.34
C GLU A 308 9.73 -2.52 -5.54
N VAL A 309 9.61 -1.20 -5.37
CA VAL A 309 8.31 -0.50 -5.51
C VAL A 309 7.80 -0.44 -6.96
N ARG A 310 6.53 -0.78 -7.12
CA ARG A 310 5.87 -0.78 -8.41
C ARG A 310 5.61 0.67 -8.83
N ILE A 311 5.75 0.94 -10.12
CA ILE A 311 5.48 2.27 -10.67
C ILE A 311 4.41 2.05 -11.72
N ILE A 312 3.27 2.70 -11.56
CA ILE A 312 2.18 2.52 -12.52
C ILE A 312 1.68 3.84 -13.09
N GLY A 313 0.75 3.77 -14.03
CA GLY A 313 0.23 4.99 -14.62
C GLY A 313 0.92 5.35 -15.92
N GLU A 314 0.47 6.42 -16.55
CA GLU A 314 1.03 6.86 -17.82
C GLU A 314 1.95 8.06 -17.70
N HIS A 315 2.91 8.14 -18.61
CA HIS A 315 3.85 9.26 -18.64
C HIS A 315 2.98 10.41 -19.17
N PRO A 316 3.22 11.64 -18.66
CA PRO A 316 2.45 12.83 -19.07
C PRO A 316 2.52 13.17 -20.55
N LYS A 317 1.47 13.85 -21.03
CA LYS A 317 1.35 14.33 -22.42
C LYS A 317 0.80 13.27 -23.36
#